data_5DPN
#
_entry.id   5DPN
#
_cell.length_a   72.977
_cell.length_b   49.856
_cell.length_c   45.091
_cell.angle_alpha   90.00
_cell.angle_beta   90.00
_cell.angle_gamma   90.00
#
_symmetry.space_group_name_H-M   'P 21 21 2'
#
loop_
_entity.id
_entity.type
_entity.pdbx_description
1 polymer Xylanase
2 branched alpha-D-xylopyranose-(1-6)-beta-D-glucopyranose-(1-4)-[alpha-D-xylopyranose-(1-6)]beta-D-glucopyranose-(1-4)-[alpha-D-xylopyranose-(1-6)]beta-D-glucopyranose-(1-4)-beta-D-glucopyranose
3 non-polymer 'CALCIUM ION'
4 water water
#
_entity_poly.entity_id   1
_entity_poly.type   'polypeptide(L)'
_entity_poly.pdbx_seq_one_letter_code
;MLVANINGGFESTPAGVVTDLAEGVEGWDLNVGSSVTNPPVFEVLETSDAPEGNKVLAVTVNGVGNNPFNIQATALPVNV
RPGVTYTYTIRARAEQDGAVVSFTVGNQSFDEYGRLHHQQITTEWQPFTFEFTVSDQETVIRAPIHFGYAANVGNTIYID
GLAIVDL
;
_entity_poly.pdbx_strand_id   A
#
# COMPACT_ATOMS: atom_id res chain seq x y z
N LEU A 2 -0.28 -17.27 10.11
CA LEU A 2 0.15 -16.16 10.95
C LEU A 2 0.75 -15.01 10.12
N VAL A 3 0.00 -13.93 9.99
CA VAL A 3 0.50 -12.78 9.22
CA VAL A 3 0.40 -12.78 9.22
C VAL A 3 0.95 -11.68 10.16
N ALA A 4 1.98 -10.95 9.72
CA ALA A 4 2.56 -9.92 10.59
C ALA A 4 1.83 -8.59 10.62
N ASN A 5 1.03 -8.34 9.58
CA ASN A 5 0.28 -7.08 9.44
C ASN A 5 -1.19 -7.35 9.69
N ILE A 6 -1.95 -6.29 9.94
CA ILE A 6 -3.37 -6.47 10.25
C ILE A 6 -4.24 -5.73 9.25
N ASN A 7 -5.39 -6.35 8.97
CA ASN A 7 -6.35 -5.77 8.02
C ASN A 7 -5.70 -5.56 6.64
N GLY A 8 -4.88 -6.51 6.19
CA GLY A 8 -4.19 -6.37 4.92
C GLY A 8 -5.06 -6.37 3.68
N GLY A 9 -6.30 -6.86 3.81
CA GLY A 9 -7.23 -6.81 2.72
C GLY A 9 -8.42 -5.86 2.91
N PHE A 10 -8.35 -5.01 3.93
CA PHE A 10 -9.36 -3.95 4.19
C PHE A 10 -10.73 -4.50 4.60
N GLU A 11 -10.78 -5.78 4.88
CA GLU A 11 -12.10 -6.40 5.20
C GLU A 11 -12.68 -6.02 6.58
N SER A 12 -11.86 -5.46 7.48
CA SER A 12 -12.32 -4.99 8.77
C SER A 12 -12.94 -3.60 8.70
N THR A 13 -12.86 -2.94 7.55
CA THR A 13 -13.24 -1.54 7.43
C THR A 13 -14.55 -1.37 6.63
N PRO A 14 -15.47 -0.52 7.14
CA PRO A 14 -16.70 -0.26 6.39
C PRO A 14 -16.38 0.44 5.09
N ALA A 15 -17.16 0.14 4.06
CA ALA A 15 -16.94 0.77 2.77
C ALA A 15 -17.26 2.26 2.85
N GLY A 16 -16.53 3.02 2.03
CA GLY A 16 -16.76 4.44 1.90
C GLY A 16 -15.50 5.26 1.77
N VAL A 17 -15.68 6.53 1.42
CA VAL A 17 -14.57 7.45 1.39
C VAL A 17 -13.93 7.56 2.79
N VAL A 18 -12.61 7.54 2.85
CA VAL A 18 -11.90 7.61 4.11
C VAL A 18 -11.75 9.10 4.48
N THR A 19 -12.35 9.44 5.62
CA THR A 19 -12.32 10.82 6.11
C THR A 19 -11.33 11.06 7.26
N ASP A 20 -10.94 9.99 7.93
CA ASP A 20 -9.99 10.03 9.00
C ASP A 20 -8.75 9.22 8.51
N LEU A 21 -7.76 9.94 8.00
CA LEU A 21 -6.64 9.28 7.30
C LEU A 21 -5.74 8.54 8.28
N ALA A 22 -5.61 9.04 9.52
CA ALA A 22 -4.72 8.37 10.47
C ALA A 22 -5.34 7.13 11.13
N GLU A 23 -6.65 7.14 11.39
CA GLU A 23 -7.29 6.07 12.16
C GLU A 23 -8.54 5.47 11.55
N GLY A 24 -8.91 5.96 10.37
CA GLY A 24 -10.10 5.44 9.71
C GLY A 24 -10.02 4.01 9.20
N VAL A 25 -8.79 3.56 8.93
CA VAL A 25 -8.59 2.22 8.40
C VAL A 25 -7.65 1.49 9.33
N GLU A 26 -8.18 0.53 10.08
CA GLU A 26 -7.33 -0.17 11.05
C GLU A 26 -6.19 -0.89 10.33
N GLY A 27 -5.00 -0.82 10.93
CA GLY A 27 -3.83 -1.46 10.34
C GLY A 27 -3.07 -0.60 9.34
N TRP A 28 -3.58 0.59 9.02
CA TRP A 28 -2.99 1.44 7.96
C TRP A 28 -2.95 2.90 8.42
N ASP A 29 -1.94 3.61 7.95
CA ASP A 29 -1.80 5.04 8.13
C ASP A 29 -1.77 5.68 6.72
N LEU A 30 -2.72 6.56 6.41
CA LEU A 30 -2.84 7.12 5.05
C LEU A 30 -2.43 8.56 4.93
N ASN A 31 -2.19 9.26 6.03
CA ASN A 31 -1.80 10.71 5.91
C ASN A 31 -1.03 11.19 4.61
N VAL A 32 -1.37 12.41 4.12
CA VAL A 32 -0.91 13.13 2.89
C VAL A 32 0.07 14.27 3.23
N GLY A 33 1.17 14.48 2.50
CA GLY A 33 2.13 15.55 2.83
C GLY A 33 1.62 16.96 2.56
N SER A 34 2.19 17.97 3.25
CA SER A 34 1.70 19.35 3.11
C SER A 34 1.91 19.98 1.75
N SER A 35 2.91 19.53 0.99
CA SER A 35 3.14 20.09 -0.34
C SER A 35 2.08 19.66 -1.37
N VAL A 36 1.17 18.74 -1.00
CA VAL A 36 0.14 18.25 -1.92
C VAL A 36 -1.05 19.16 -1.83
N THR A 37 -1.22 20.02 -2.82
CA THR A 37 -2.30 21.00 -2.74
C THR A 37 -3.65 20.54 -3.29
N ASN A 38 -3.65 19.57 -4.21
CA ASN A 38 -4.89 18.99 -4.70
CA ASN A 38 -4.89 18.97 -4.70
C ASN A 38 -5.03 17.59 -4.06
N PRO A 39 -5.83 17.47 -2.99
CA PRO A 39 -5.74 16.23 -2.21
C PRO A 39 -6.21 14.97 -2.95
N PRO A 40 -5.57 13.84 -2.67
CA PRO A 40 -6.06 12.58 -3.22
C PRO A 40 -7.36 12.15 -2.51
N VAL A 41 -8.00 11.15 -3.10
CA VAL A 41 -9.18 10.52 -2.50
C VAL A 41 -8.85 9.07 -2.20
N PHE A 42 -9.05 8.67 -0.95
CA PHE A 42 -8.88 7.25 -0.53
C PHE A 42 -10.26 6.72 -0.30
N GLU A 43 -10.58 5.56 -0.85
CA GLU A 43 -11.93 5.01 -0.69
C GLU A 43 -11.82 3.50 -0.47
N VAL A 44 -12.48 2.97 0.56
CA VAL A 44 -12.61 1.52 0.67
C VAL A 44 -13.87 1.14 -0.16
N LEU A 45 -13.68 0.32 -1.19
CA LEU A 45 -14.70 -0.02 -2.16
C LEU A 45 -15.19 -1.43 -1.99
N GLU A 46 -16.51 -1.64 -1.93
CA GLU A 46 -17.06 -2.99 -2.01
CA GLU A 46 -17.02 -3.00 -2.01
C GLU A 46 -17.22 -3.31 -3.48
N THR A 47 -16.59 -4.38 -3.96
CA THR A 47 -16.55 -4.65 -5.37
C THR A 47 -16.44 -6.14 -5.65
N SER A 48 -17.09 -6.60 -6.71
N SER A 48 -17.17 -6.56 -6.66
CA SER A 48 -17.16 -8.03 -6.95
CA SER A 48 -17.07 -7.93 -7.17
C SER A 48 -15.84 -8.64 -7.45
C SER A 48 -15.67 -8.15 -7.71
N ASP A 49 -14.96 -7.84 -8.04
N ASP A 49 -14.95 -7.05 -7.90
CA ASP A 49 -13.68 -8.35 -8.56
CA ASP A 49 -13.63 -7.11 -8.51
C ASP A 49 -12.54 -8.20 -7.53
C ASP A 49 -12.51 -7.44 -7.49
N ALA A 50 -12.87 -7.85 -6.28
CA ALA A 50 -11.82 -7.90 -5.19
C ALA A 50 -11.08 -9.22 -5.26
N PRO A 51 -9.74 -9.18 -5.24
CA PRO A 51 -8.94 -10.42 -5.22
C PRO A 51 -9.12 -11.24 -3.97
N GLU A 52 -9.40 -10.57 -2.87
CA GLU A 52 -9.69 -11.29 -1.64
C GLU A 52 -10.78 -10.56 -0.87
N GLY A 53 -11.70 -11.35 -0.32
CA GLY A 53 -12.85 -10.81 0.36
C GLY A 53 -13.76 -10.00 -0.55
N ASN A 54 -14.33 -8.93 -0.01
CA ASN A 54 -15.24 -8.10 -0.75
C ASN A 54 -14.75 -6.69 -1.04
N LYS A 55 -13.63 -6.30 -0.44
CA LYS A 55 -13.24 -4.90 -0.40
C LYS A 55 -11.81 -4.72 -0.90
N VAL A 56 -11.59 -3.56 -1.49
CA VAL A 56 -10.28 -3.09 -1.89
C VAL A 56 -10.12 -1.63 -1.47
N LEU A 57 -8.88 -1.14 -1.48
CA LEU A 57 -8.60 0.28 -1.32
C LEU A 57 -8.33 0.93 -2.68
N ALA A 58 -9.02 2.03 -2.94
CA ALA A 58 -8.80 2.83 -4.14
C ALA A 58 -8.17 4.16 -3.78
N VAL A 59 -7.14 4.53 -4.52
CA VAL A 59 -6.43 5.80 -4.30
C VAL A 59 -6.49 6.59 -5.61
N THR A 60 -7.17 7.73 -5.61
CA THR A 60 -7.25 8.60 -6.80
C THR A 60 -6.27 9.78 -6.60
N VAL A 61 -5.31 9.92 -7.52
CA VAL A 61 -4.25 10.93 -7.41
C VAL A 61 -4.65 12.14 -8.27
N ASN A 62 -4.88 13.28 -7.60
CA ASN A 62 -5.34 14.49 -8.28
C ASN A 62 -4.19 15.50 -8.53
N GLY A 63 -3.01 15.21 -8.02
CA GLY A 63 -1.91 16.16 -7.98
C GLY A 63 -0.81 15.57 -7.13
N VAL A 64 0.43 15.99 -7.37
CA VAL A 64 1.54 15.51 -6.57
C VAL A 64 2.20 16.61 -5.80
N GLY A 65 3.03 16.21 -4.85
CA GLY A 65 3.86 17.14 -4.08
C GLY A 65 5.33 16.93 -4.38
N ASN A 66 6.16 17.31 -3.41
CA ASN A 66 7.61 17.35 -3.60
C ASN A 66 8.27 15.99 -3.75
N ASN A 67 7.73 14.99 -3.03
CA ASN A 67 8.33 13.67 -3.06
C ASN A 67 7.27 12.62 -3.26
N PRO A 68 7.63 11.48 -3.86
CA PRO A 68 6.60 10.49 -4.13
C PRO A 68 5.95 9.92 -2.85
N PHE A 69 6.65 9.98 -1.73
CA PHE A 69 6.05 9.45 -0.49
C PHE A 69 5.00 10.39 0.14
N ASN A 70 4.78 11.54 -0.48
CA ASN A 70 3.79 12.48 0.01
C ASN A 70 2.35 12.03 -0.24
N ILE A 71 2.14 11.00 -1.06
CA ILE A 71 0.84 10.31 -1.12
C ILE A 71 1.19 8.84 -0.87
N GLN A 72 0.75 8.28 0.26
CA GLN A 72 1.27 6.98 0.71
C GLN A 72 0.22 6.25 1.56
N ALA A 73 0.27 4.94 1.54
CA ALA A 73 -0.52 4.12 2.44
C ALA A 73 0.50 3.20 3.11
N THR A 74 0.58 3.28 4.44
CA THR A 74 1.59 2.54 5.22
C THR A 74 0.91 1.54 6.15
N ALA A 75 1.20 0.26 5.99
CA ALA A 75 0.70 -0.72 6.95
C ALA A 75 1.46 -0.59 8.25
N LEU A 76 0.76 -0.50 9.37
CA LEU A 76 1.40 -0.42 10.65
C LEU A 76 0.36 -0.70 11.72
N PRO A 77 0.74 -1.38 12.80
CA PRO A 77 2.05 -1.99 13.02
C PRO A 77 2.25 -3.24 12.20
N VAL A 78 3.50 -3.56 11.93
CA VAL A 78 3.88 -4.85 11.36
C VAL A 78 4.80 -5.50 12.38
N ASN A 79 4.33 -6.60 12.95
CA ASN A 79 5.00 -7.19 14.10
C ASN A 79 5.95 -8.28 13.66
N VAL A 80 7.24 -8.09 13.94
CA VAL A 80 8.29 -8.95 13.42
C VAL A 80 9.34 -9.34 14.50
N ARG A 81 10.26 -10.19 14.08
CA ARG A 81 11.43 -10.64 14.89
C ARG A 81 12.72 -10.42 14.16
N PRO A 82 13.74 -9.90 14.87
CA PRO A 82 15.03 -9.68 14.26
C PRO A 82 15.57 -10.96 13.70
N GLY A 83 16.11 -10.88 12.49
CA GLY A 83 16.80 -11.98 11.84
C GLY A 83 15.92 -12.84 10.97
N VAL A 84 14.61 -12.66 11.10
CA VAL A 84 13.66 -13.48 10.35
C VAL A 84 13.45 -12.94 8.92
N THR A 85 13.38 -13.85 7.95
CA THR A 85 13.10 -13.50 6.54
C THR A 85 11.58 -13.65 6.28
N TYR A 86 11.00 -12.59 5.74
CA TYR A 86 9.57 -12.53 5.44
C TYR A 86 9.35 -12.47 3.94
N THR A 87 8.20 -12.99 3.52
CA THR A 87 7.66 -12.81 2.18
C THR A 87 6.57 -11.74 2.23
N TYR A 88 6.69 -10.78 1.34
CA TYR A 88 5.72 -9.70 1.10
C TYR A 88 4.95 -10.05 -0.18
N THR A 89 3.63 -10.06 -0.10
CA THR A 89 2.78 -10.22 -1.29
C THR A 89 1.63 -9.20 -1.23
N ILE A 90 1.33 -8.60 -2.38
CA ILE A 90 0.18 -7.68 -2.51
C ILE A 90 -0.37 -7.77 -3.92
N ARG A 91 -1.64 -7.42 -4.14
CA ARG A 91 -2.23 -7.32 -5.48
CA ARG A 91 -2.14 -7.30 -5.51
C ARG A 91 -2.49 -5.86 -5.83
N ALA A 92 -2.25 -5.47 -7.07
CA ALA A 92 -2.52 -4.07 -7.48
C ALA A 92 -2.99 -4.01 -8.94
N ARG A 93 -3.84 -3.02 -9.25
CA ARG A 93 -4.17 -2.68 -10.62
CA ARG A 93 -4.21 -2.69 -10.62
C ARG A 93 -4.53 -1.20 -10.66
N ALA A 94 -4.74 -0.68 -11.85
CA ALA A 94 -5.06 0.75 -12.01
C ALA A 94 -6.18 0.92 -13.04
N GLU A 95 -6.84 2.07 -13.00
CA GLU A 95 -7.94 2.35 -13.90
C GLU A 95 -7.41 2.54 -15.31
N GLN A 96 -6.25 3.20 -15.45
CA GLN A 96 -5.61 3.36 -16.76
CA GLN A 96 -5.60 3.35 -16.75
C GLN A 96 -4.21 2.75 -16.73
N ASP A 97 -3.73 2.25 -17.87
CA ASP A 97 -2.40 1.64 -17.92
CA ASP A 97 -2.41 1.64 -17.90
C ASP A 97 -1.31 2.68 -17.63
N GLY A 98 -0.24 2.30 -16.95
N GLY A 98 -0.25 2.26 -16.93
CA GLY A 98 0.92 3.18 -16.84
CA GLY A 98 0.96 3.06 -16.83
C GLY A 98 1.02 3.97 -15.56
C GLY A 98 1.21 3.74 -15.50
N ALA A 99 0.32 3.48 -14.55
CA ALA A 99 0.58 3.92 -13.17
C ALA A 99 1.88 3.32 -12.64
N VAL A 100 2.48 4.01 -11.66
CA VAL A 100 3.73 3.66 -11.05
C VAL A 100 3.55 3.63 -9.52
N VAL A 101 4.01 2.56 -8.90
CA VAL A 101 3.99 2.42 -7.43
C VAL A 101 5.28 1.80 -6.91
N SER A 102 5.78 2.26 -5.77
CA SER A 102 6.85 1.54 -5.06
C SER A 102 6.29 0.91 -3.79
N PHE A 103 6.64 -0.34 -3.55
CA PHE A 103 6.19 -1.12 -2.42
C PHE A 103 7.39 -1.31 -1.51
N THR A 104 7.34 -0.77 -0.29
CA THR A 104 8.51 -0.80 0.58
C THR A 104 8.24 -1.32 1.97
N VAL A 105 9.32 -1.69 2.67
CA VAL A 105 9.22 -2.03 4.09
CA VAL A 105 9.23 -2.10 4.07
C VAL A 105 10.39 -1.44 4.81
N GLY A 106 10.15 -0.90 6.01
CA GLY A 106 11.25 -0.24 6.74
C GLY A 106 10.96 -0.09 8.21
N ASN A 107 11.89 0.52 8.93
CA ASN A 107 11.67 0.71 10.36
C ASN A 107 11.18 2.15 10.70
N GLN A 108 10.99 2.43 12.00
CA GLN A 108 10.46 3.71 12.39
C GLN A 108 11.49 4.82 12.30
N SER A 109 12.76 4.50 12.03
CA SER A 109 13.80 5.47 11.62
CA SER A 109 13.71 5.55 11.64
C SER A 109 13.86 5.76 10.12
N PHE A 110 12.95 5.12 9.34
CA PHE A 110 12.84 5.25 7.88
C PHE A 110 13.92 4.55 7.08
N ASP A 111 14.71 3.71 7.75
CA ASP A 111 15.62 2.81 7.03
C ASP A 111 14.81 1.69 6.38
N GLU A 112 15.07 1.37 5.10
CA GLU A 112 14.39 0.27 4.43
C GLU A 112 15.09 -1.05 4.56
N TYR A 113 14.32 -2.11 4.71
CA TYR A 113 14.82 -3.47 4.59
C TYR A 113 14.77 -4.03 3.16
N GLY A 114 13.88 -3.44 2.33
CA GLY A 114 13.73 -3.91 0.97
C GLY A 114 12.63 -3.15 0.29
N ARG A 115 12.57 -3.28 -1.04
CA ARG A 115 11.48 -2.65 -1.80
C ARG A 115 11.37 -3.31 -3.17
N LEU A 116 10.18 -3.16 -3.74
CA LEU A 116 9.97 -3.29 -5.20
C LEU A 116 9.85 -1.88 -5.72
N HIS A 117 10.84 -1.47 -6.53
CA HIS A 117 10.98 -0.09 -6.94
C HIS A 117 10.26 0.28 -8.23
N HIS A 118 9.49 1.38 -8.22
CA HIS A 118 8.97 1.98 -9.48
C HIS A 118 8.34 0.94 -10.40
N GLN A 119 7.37 0.18 -9.85
CA GLN A 119 6.70 -0.88 -10.58
C GLN A 119 5.62 -0.28 -11.46
N GLN A 120 5.50 -0.84 -12.65
CA GLN A 120 4.43 -0.49 -13.58
C GLN A 120 3.18 -1.30 -13.25
N ILE A 121 2.08 -0.60 -13.10
CA ILE A 121 0.79 -1.20 -12.76
C ILE A 121 -0.07 -1.18 -14.00
N THR A 122 -0.77 -2.28 -14.26
CA THR A 122 -1.64 -2.39 -15.44
C THR A 122 -3.11 -2.37 -15.05
N THR A 123 -4.00 -2.50 -16.02
CA THR A 123 -5.42 -2.50 -15.72
C THR A 123 -5.98 -3.84 -15.24
N GLU A 124 -5.12 -4.86 -15.12
CA GLU A 124 -5.56 -6.16 -14.57
C GLU A 124 -4.78 -6.41 -13.28
N TRP A 125 -5.42 -7.07 -12.33
CA TRP A 125 -4.77 -7.41 -11.05
C TRP A 125 -3.52 -8.24 -11.30
N GLN A 126 -2.41 -7.85 -10.69
CA GLN A 126 -1.17 -8.62 -10.68
CA GLN A 126 -1.21 -8.67 -10.68
C GLN A 126 -0.70 -8.80 -9.25
N PRO A 127 -0.04 -9.92 -8.96
CA PRO A 127 0.66 -10.03 -7.68
C PRO A 127 2.06 -9.44 -7.80
N PHE A 128 2.46 -8.80 -6.71
CA PHE A 128 3.80 -8.22 -6.54
C PHE A 128 4.38 -8.82 -5.26
N THR A 129 5.57 -9.41 -5.34
CA THR A 129 6.10 -10.12 -4.22
C THR A 129 7.61 -9.95 -4.11
N PHE A 130 8.12 -9.92 -2.87
CA PHE A 130 9.57 -9.91 -2.64
C PHE A 130 9.81 -10.44 -1.23
N GLU A 131 11.09 -10.69 -0.95
CA GLU A 131 11.51 -11.15 0.36
C GLU A 131 12.39 -10.10 1.00
N PHE A 132 12.31 -10.00 2.32
CA PHE A 132 13.21 -9.12 3.05
C PHE A 132 13.55 -9.76 4.38
N THR A 133 14.70 -9.39 4.92
CA THR A 133 15.10 -9.84 6.26
C THR A 133 15.18 -8.65 7.25
N VAL A 134 14.69 -8.83 8.45
CA VAL A 134 14.76 -7.75 9.45
C VAL A 134 16.20 -7.80 9.99
N SER A 135 16.98 -6.80 9.60
CA SER A 135 18.44 -6.93 9.78
CA SER A 135 18.44 -6.79 9.72
C SER A 135 18.93 -6.25 11.06
N ASP A 136 18.04 -5.58 11.78
CA ASP A 136 18.43 -4.89 13.01
C ASP A 136 17.55 -5.36 14.17
N GLN A 137 17.50 -4.64 15.29
CA GLN A 137 16.80 -5.16 16.47
C GLN A 137 15.33 -4.77 16.63
N GLU A 138 14.74 -4.26 15.58
CA GLU A 138 13.34 -3.83 15.64
C GLU A 138 12.32 -4.96 15.64
N THR A 139 11.26 -4.75 16.42
CA THR A 139 10.13 -5.68 16.48
C THR A 139 8.82 -5.10 15.96
N VAL A 140 8.75 -3.78 15.76
CA VAL A 140 7.56 -3.15 15.25
C VAL A 140 7.99 -2.28 14.08
N ILE A 141 7.62 -2.69 12.86
CA ILE A 141 8.09 -1.98 11.67
C ILE A 141 6.86 -1.54 10.84
N ARG A 142 7.11 -1.00 9.63
CA ARG A 142 6.13 -0.24 8.83
C ARG A 142 6.24 -0.73 7.39
N ALA A 143 5.19 -0.61 6.58
CA ALA A 143 5.29 -1.03 5.17
C ALA A 143 4.71 0.08 4.28
N PRO A 144 5.52 1.12 3.96
CA PRO A 144 4.99 2.24 3.14
C PRO A 144 4.84 1.92 1.66
N ILE A 145 3.67 2.19 1.12
CA ILE A 145 3.44 2.11 -0.31
C ILE A 145 3.39 3.54 -0.85
N HIS A 146 4.11 3.84 -1.92
CA HIS A 146 4.19 5.21 -2.42
C HIS A 146 3.47 5.41 -3.72
N PHE A 147 2.54 6.37 -3.75
CA PHE A 147 1.71 6.64 -4.95
C PHE A 147 1.97 7.98 -5.59
N GLY A 148 2.79 8.84 -4.96
CA GLY A 148 2.87 10.23 -5.40
C GLY A 148 3.79 10.58 -6.57
N TYR A 149 3.82 9.71 -7.57
CA TYR A 149 4.61 9.92 -8.79
C TYR A 149 3.74 10.76 -9.75
N ALA A 150 4.36 11.72 -10.42
CA ALA A 150 3.64 12.56 -11.38
C ALA A 150 2.90 11.77 -12.50
N ALA A 151 3.44 10.61 -12.89
CA ALA A 151 2.82 9.74 -13.85
C ALA A 151 1.38 9.33 -13.49
N ASN A 152 1.06 9.38 -12.18
CA ASN A 152 -0.23 8.91 -11.69
C ASN A 152 -1.35 9.95 -11.63
N VAL A 153 -1.04 11.21 -11.96
CA VAL A 153 -2.05 12.27 -11.88
C VAL A 153 -3.15 11.93 -12.87
N GLY A 154 -4.37 11.91 -12.33
CA GLY A 154 -5.59 11.57 -13.03
C GLY A 154 -5.98 10.10 -12.98
N ASN A 155 -5.15 9.27 -12.39
CA ASN A 155 -5.39 7.82 -12.38
C ASN A 155 -5.91 7.41 -11.00
N THR A 156 -6.46 6.20 -10.93
CA THR A 156 -6.91 5.59 -9.66
C THR A 156 -6.19 4.24 -9.55
N ILE A 157 -5.54 3.98 -8.42
CA ILE A 157 -4.78 2.73 -8.19
CA ILE A 157 -4.80 2.73 -8.22
C ILE A 157 -5.54 1.95 -7.15
N TYR A 158 -5.69 0.65 -7.35
CA TYR A 158 -6.39 -0.22 -6.43
C TYR A 158 -5.41 -1.19 -5.83
N ILE A 159 -5.50 -1.40 -4.53
CA ILE A 159 -4.66 -2.41 -3.88
C ILE A 159 -5.51 -3.33 -3.01
N ASP A 160 -5.03 -4.56 -2.83
CA ASP A 160 -5.71 -5.51 -1.94
C ASP A 160 -4.77 -6.60 -1.54
N GLY A 161 -5.08 -7.23 -0.41
CA GLY A 161 -4.45 -8.49 -0.05
C GLY A 161 -2.97 -8.43 0.35
N LEU A 162 -2.60 -7.42 1.12
CA LEU A 162 -1.22 -7.38 1.63
C LEU A 162 -1.05 -8.49 2.67
N ALA A 163 -0.05 -9.35 2.49
CA ALA A 163 0.29 -10.36 3.51
C ALA A 163 1.78 -10.40 3.65
N ILE A 164 2.24 -10.20 4.89
CA ILE A 164 3.67 -10.26 5.23
C ILE A 164 3.81 -11.46 6.18
N VAL A 165 4.48 -12.49 5.67
CA VAL A 165 4.50 -13.81 6.32
CA VAL A 165 4.53 -13.77 6.38
C VAL A 165 5.92 -14.33 6.47
N ASP A 166 6.15 -14.99 7.58
CA ASP A 166 7.43 -15.64 7.85
C ASP A 166 7.72 -16.72 6.81
N LEU A 167 8.92 -16.66 6.20
CA LEU A 167 9.33 -17.63 5.19
C LEU A 167 9.76 -18.95 5.82
#